data_3V39
#
_entry.id   3V39
#
_cell.length_a   125.240
_cell.length_b   125.240
_cell.length_c   81.370
_cell.angle_alpha   90.00
_cell.angle_beta   90.00
_cell.angle_gamma   120.00
#
_symmetry.space_group_name_H-M   'P 31 2 1'
#
loop_
_entity.id
_entity.type
_entity.pdbx_description
1 polymer 'D-alanyl-D-alanine carboxypeptidase'
2 non-polymer '2-AMINOETHANESULFONIC ACID'
3 non-polymer 'SULFATE ION'
4 non-polymer 'TRIETHYLENE GLYCOL'
5 water water
#
_entity_poly.entity_id   1
_entity_poly.type   'polypeptide(L)'
_entity_poly.pdbx_seq_one_letter_code
;MKVYLNSMCHMAANSKTQQIQGDDNKDDKFPLASISKVVTTLWAVDRLGPDYRFKTKLHVTPTANGSYDIHIEGSRDPLF
GRNMSYFLISELNRMKITKIEKLTFDENFLLAWLAEEKPMIGGTTPKYDTVEQQASIVRATLTSSFATAISPGYYTILKT
KAARIGVQMSNRPKIDVRTISFVKKAEFQKNEKSTTMVLMSAPLKTILKRMNNQSNNYIADNLYWNLGGTEAFNAYIAGK
MQADTSDIEFHNGSGNNEGSVAKPVYNEATCEMMIKVLYSLDKSLSAKGYDLSDVMAVAAKDKASTVGSYGGVMAGSTTA
KTGSVNKAKTLMGSVSTKNGEIYFAVLMHTDYDKSRSDWGVASQQIKNKVSQLINQNGGPKAIKYTEQLPLPFDKYSYLT
KANTITTEKKLEHHHHHH
;
_entity_poly.pdbx_strand_id   A
#
# COMPACT_ATOMS: atom_id res chain seq x y z
N MET A 1 -12.85 -11.42 24.73
CA MET A 1 -13.60 -11.04 23.48
C MET A 1 -14.67 -12.12 23.24
N LYS A 2 -15.77 -11.74 22.60
CA LYS A 2 -16.79 -12.66 22.15
C LYS A 2 -16.95 -12.45 20.66
N VAL A 3 -17.23 -13.52 19.91
CA VAL A 3 -17.18 -13.48 18.47
C VAL A 3 -18.37 -14.16 17.88
N TYR A 4 -18.83 -13.71 16.74
CA TYR A 4 -19.70 -14.58 15.93
C TYR A 4 -19.44 -14.29 14.46
N LEU A 5 -19.81 -15.25 13.60
CA LEU A 5 -19.66 -15.11 12.16
C LEU A 5 -20.66 -14.13 11.56
N ASN A 6 -20.17 -13.13 10.79
CA ASN A 6 -21.08 -12.35 9.94
C ASN A 6 -21.37 -13.13 8.68
N SER A 7 -20.33 -13.44 7.91
CA SER A 7 -20.57 -14.29 6.72
C SER A 7 -19.28 -14.87 6.24
N MET A 8 -19.35 -16.02 5.59
CA MET A 8 -18.21 -16.56 4.80
C MET A 8 -18.69 -17.02 3.49
N CYS A 9 -17.91 -16.83 2.45
CA CYS A 9 -18.31 -17.23 1.13
C CYS A 9 -17.10 -17.54 0.29
N HIS A 10 -17.32 -18.15 -0.85
CA HIS A 10 -16.17 -18.64 -1.66
C HIS A 10 -16.64 -18.99 -3.05
N MET A 11 -15.71 -19.07 -3.99
CA MET A 11 -16.05 -19.41 -5.37
C MET A 11 -14.83 -20.05 -6.01
N ALA A 12 -15.01 -21.15 -6.73
CA ALA A 12 -13.90 -21.66 -7.53
C ALA A 12 -13.48 -20.65 -8.59
N ALA A 13 -12.16 -20.44 -8.75
CA ALA A 13 -11.68 -19.43 -9.67
C ALA A 13 -12.09 -19.73 -11.09
N ASN A 14 -12.27 -21.01 -11.45
CA ASN A 14 -12.65 -21.36 -12.79
C ASN A 14 -14.15 -21.61 -12.96
N SER A 15 -14.94 -21.15 -12.00
CA SER A 15 -16.41 -21.37 -12.17
C SER A 15 -16.91 -20.78 -13.47
N LYS A 16 -17.70 -21.57 -14.19
CA LYS A 16 -18.31 -21.04 -15.41
C LYS A 16 -19.60 -20.28 -15.12
N THR A 17 -20.17 -20.39 -13.94
CA THR A 17 -21.37 -19.62 -13.63
C THR A 17 -21.08 -18.37 -12.79
N GLN A 18 -19.93 -18.31 -12.14
CA GLN A 18 -19.58 -17.24 -11.19
C GLN A 18 -20.63 -17.12 -10.12
N GLN A 19 -21.33 -18.20 -9.79
CA GLN A 19 -22.14 -18.21 -8.58
C GLN A 19 -21.26 -18.31 -7.35
N ILE A 20 -21.61 -17.59 -6.32
CA ILE A 20 -20.79 -17.58 -5.09
C ILE A 20 -21.47 -18.42 -4.02
N GLN A 21 -20.77 -19.39 -3.44
CA GLN A 21 -21.27 -20.25 -2.41
C GLN A 21 -21.05 -19.59 -1.07
N GLY A 22 -21.96 -19.79 -0.14
CA GLY A 22 -21.73 -19.32 1.20
C GLY A 22 -23.02 -19.25 1.97
N ASP A 23 -22.98 -18.69 3.18
CA ASP A 23 -24.16 -18.69 4.01
C ASP A 23 -25.15 -17.64 3.58
N ASP A 24 -26.30 -17.63 4.29
CA ASP A 24 -27.41 -16.73 3.91
C ASP A 24 -27.12 -15.24 4.15
N ASN A 25 -26.01 -14.89 4.79
CA ASN A 25 -25.66 -13.48 5.02
C ASN A 25 -24.65 -12.98 3.97
N LYS A 26 -24.37 -13.78 2.92
CA LYS A 26 -23.33 -13.36 1.95
CA LYS A 26 -23.33 -13.36 1.97
C LYS A 26 -23.67 -12.11 1.14
N ASP A 27 -24.94 -11.67 1.16
CA ASP A 27 -25.35 -10.46 0.42
C ASP A 27 -25.74 -9.36 1.38
N ASP A 28 -25.29 -9.44 2.63
CA ASP A 28 -25.49 -8.33 3.60
C ASP A 28 -24.17 -7.56 3.80
N LYS A 29 -24.23 -6.24 3.99
CA LYS A 29 -23.02 -5.45 4.23
C LYS A 29 -22.51 -5.61 5.67
N PHE A 30 -21.17 -5.71 5.76
CA PHE A 30 -20.49 -5.77 7.06
C PHE A 30 -19.21 -4.97 7.00
N PRO A 31 -18.68 -4.50 8.13
CA PRO A 31 -17.41 -3.81 8.11
C PRO A 31 -16.27 -4.67 7.58
N LEU A 32 -15.39 -4.10 6.76
CA LEU A 32 -14.34 -4.81 6.07
C LEU A 32 -12.99 -4.74 6.79
N ALA A 33 -12.80 -3.65 7.54
CA ALA A 33 -11.43 -3.38 8.01
C ALA A 33 -10.44 -3.39 6.83
N SER A 34 -9.18 -3.81 7.03
CA SER A 34 -8.17 -3.67 5.98
C SER A 34 -8.35 -4.57 4.82
N ILE A 35 -9.34 -5.49 4.77
CA ILE A 35 -9.56 -6.13 3.46
C ILE A 35 -10.06 -5.07 2.48
N SER A 36 -10.51 -3.89 2.95
CA SER A 36 -10.72 -2.73 2.05
C SER A 36 -9.51 -2.50 1.16
N LYS A 37 -8.31 -2.72 1.64
CA LYS A 37 -7.12 -2.42 0.86
C LYS A 37 -7.06 -3.28 -0.40
N VAL A 38 -7.74 -4.44 -0.45
CA VAL A 38 -7.73 -5.20 -1.72
C VAL A 38 -8.63 -4.51 -2.75
N VAL A 39 -9.72 -3.89 -2.28
CA VAL A 39 -10.55 -3.12 -3.20
C VAL A 39 -9.75 -1.93 -3.78
N THR A 40 -9.00 -1.23 -2.92
CA THR A 40 -8.16 -0.10 -3.40
C THR A 40 -7.10 -0.64 -4.37
N THR A 41 -6.62 -1.88 -4.11
CA THR A 41 -5.64 -2.51 -4.99
C THR A 41 -6.26 -2.73 -6.36
N LEU A 42 -7.47 -3.31 -6.40
CA LEU A 42 -8.12 -3.52 -7.70
C LEU A 42 -8.32 -2.17 -8.46
N TRP A 43 -8.78 -1.15 -7.74
CA TRP A 43 -9.01 0.15 -8.42
C TRP A 43 -7.66 0.65 -8.99
N ALA A 44 -6.61 0.63 -8.19
CA ALA A 44 -5.32 1.10 -8.66
C ALA A 44 -4.76 0.27 -9.85
N VAL A 45 -4.88 -1.08 -9.78
CA VAL A 45 -4.46 -1.92 -10.88
C VAL A 45 -5.22 -1.57 -12.17
N ASP A 46 -6.54 -1.36 -12.03
CA ASP A 46 -7.33 -1.06 -13.24
C ASP A 46 -7.03 0.32 -13.80
N ARG A 47 -6.86 1.32 -12.92
CA ARG A 47 -6.65 2.67 -13.43
C ARG A 47 -5.24 2.92 -13.92
N LEU A 48 -4.23 2.37 -13.29
CA LEU A 48 -2.83 2.74 -13.51
C LEU A 48 -2.05 1.62 -14.17
N GLY A 49 -2.40 0.38 -13.82
CA GLY A 49 -1.70 -0.83 -14.29
C GLY A 49 -0.57 -1.22 -13.35
N PRO A 50 -0.33 -2.53 -13.22
CA PRO A 50 0.63 -3.03 -12.25
C PRO A 50 2.08 -2.59 -12.50
N ASP A 51 2.41 -2.19 -13.72
CA ASP A 51 3.77 -1.77 -14.01
C ASP A 51 3.92 -0.23 -14.01
N TYR A 52 2.87 0.46 -13.57
CA TYR A 52 2.94 1.94 -13.50
C TYR A 52 4.02 2.39 -12.50
N ARG A 53 4.75 3.46 -12.84
CA ARG A 53 5.68 4.04 -11.85
C ARG A 53 5.33 5.50 -11.66
N PHE A 54 5.45 5.94 -10.42
CA PHE A 54 5.33 7.37 -10.06
C PHE A 54 6.66 8.04 -10.38
N LYS A 55 6.58 8.97 -11.32
CA LYS A 55 7.82 9.61 -11.85
C LYS A 55 7.99 10.97 -11.22
N THR A 56 8.74 11.00 -10.14
CA THR A 56 9.00 12.27 -9.47
C THR A 56 10.10 12.99 -10.25
N LYS A 57 9.92 14.28 -10.58
CA LYS A 57 10.91 14.95 -11.42
C LYS A 57 11.65 16.00 -10.66
N LEU A 58 12.98 16.08 -10.81
CA LEU A 58 13.79 17.08 -10.16
C LEU A 58 14.27 18.00 -11.25
N HIS A 59 14.09 19.29 -11.04
CA HIS A 59 14.56 20.31 -12.00
C HIS A 59 15.74 20.96 -11.38
N VAL A 60 16.91 20.69 -11.94
CA VAL A 60 18.19 21.03 -11.29
C VAL A 60 18.92 22.13 -12.07
N THR A 61 19.22 23.22 -11.39
CA THR A 61 19.88 24.36 -12.07
C THR A 61 21.18 24.68 -11.33
N PRO A 62 22.32 24.72 -12.01
CA PRO A 62 23.56 25.08 -11.29
C PRO A 62 23.51 26.52 -10.82
N THR A 63 24.17 26.81 -9.70
CA THR A 63 24.17 28.17 -9.17
C THR A 63 25.59 28.73 -9.25
N ALA A 64 25.60 30.03 -9.07
CA ALA A 64 26.74 30.87 -9.38
C ALA A 64 27.81 30.46 -8.44
N ASN A 65 27.40 30.17 -7.21
CA ASN A 65 28.40 29.80 -6.22
C ASN A 65 28.88 28.37 -6.29
N GLY A 66 28.45 27.61 -7.32
CA GLY A 66 28.94 26.24 -7.49
C GLY A 66 28.01 25.12 -6.95
N SER A 67 26.87 25.49 -6.43
CA SER A 67 25.90 24.49 -5.93
C SER A 67 24.76 24.37 -6.90
N TYR A 68 23.61 23.90 -6.41
CA TYR A 68 22.45 23.73 -7.29
C TYR A 68 21.17 24.19 -6.60
N ASP A 69 20.25 24.75 -7.38
CA ASP A 69 18.87 24.87 -6.96
C ASP A 69 18.11 23.66 -7.50
N ILE A 70 17.15 23.12 -6.71
CA ILE A 70 16.41 21.97 -7.15
C ILE A 70 14.94 22.22 -6.86
N HIS A 71 14.10 22.04 -7.89
CA HIS A 71 12.66 22.01 -7.65
C HIS A 71 12.09 20.65 -7.86
N ILE A 72 11.35 20.17 -6.87
CA ILE A 72 10.73 18.83 -6.98
C ILE A 72 9.31 18.97 -7.56
N GLU A 73 9.11 18.45 -8.77
CA GLU A 73 7.79 18.31 -9.37
C GLU A 73 7.26 16.94 -8.95
N GLY A 74 6.32 16.91 -8.02
CA GLY A 74 5.92 15.65 -7.41
C GLY A 74 5.04 14.81 -8.34
N SER A 75 4.96 13.55 -7.99
CA SER A 75 4.16 12.57 -8.73
C SER A 75 3.04 11.97 -7.91
N ARG A 76 2.88 12.44 -6.69
CA ARG A 76 1.96 11.81 -5.71
C ARG A 76 2.34 10.37 -5.36
N ASP A 77 3.62 10.01 -5.52
CA ASP A 77 4.08 8.70 -5.03
C ASP A 77 3.66 8.51 -3.61
N PRO A 78 2.95 7.44 -3.34
CA PRO A 78 2.33 7.22 -2.03
C PRO A 78 3.24 6.44 -1.05
N LEU A 79 4.52 6.26 -1.41
CA LEU A 79 5.44 5.56 -0.53
C LEU A 79 6.73 6.36 -0.46
N PHE A 80 6.65 7.67 -0.39
CA PHE A 80 7.86 8.53 -0.42
C PHE A 80 8.00 9.04 0.99
N GLY A 81 8.96 8.43 1.68
CA GLY A 81 9.28 8.81 3.06
C GLY A 81 10.76 8.60 3.33
N ARG A 82 11.09 8.05 4.52
CA ARG A 82 12.51 7.89 4.85
C ARG A 82 13.29 7.12 3.79
N ASN A 83 12.83 5.93 3.40
CA ASN A 83 13.71 5.10 2.58
C ASN A 83 13.87 5.63 1.15
N MET A 84 12.78 6.09 0.51
CA MET A 84 12.99 6.76 -0.78
C MET A 84 13.87 8.00 -0.64
N SER A 85 13.75 8.75 0.43
CA SER A 85 14.62 9.90 0.64
C SER A 85 16.09 9.49 0.69
N TYR A 86 16.38 8.41 1.46
CA TYR A 86 17.76 7.98 1.54
C TYR A 86 18.26 7.59 0.15
N PHE A 87 17.44 6.89 -0.63
CA PHE A 87 17.89 6.52 -1.97
C PHE A 87 18.08 7.77 -2.81
N LEU A 88 17.16 8.74 -2.74
CA LEU A 88 17.34 9.98 -3.48
C LEU A 88 18.67 10.69 -3.08
N ILE A 89 18.97 10.75 -1.78
CA ILE A 89 20.21 11.45 -1.39
C ILE A 89 21.43 10.66 -1.93
N SER A 90 21.46 9.33 -1.79
CA SER A 90 22.50 8.57 -2.48
C SER A 90 22.61 8.92 -3.94
N GLU A 91 21.44 8.96 -4.61
CA GLU A 91 21.44 9.27 -6.06
C GLU A 91 21.89 10.72 -6.38
N LEU A 92 21.50 11.67 -5.58
CA LEU A 92 22.02 13.04 -5.76
C LEU A 92 23.54 13.03 -5.70
N ASN A 93 24.09 12.36 -4.66
CA ASN A 93 25.56 12.34 -4.57
C ASN A 93 26.17 11.61 -5.80
N ARG A 94 25.53 10.54 -6.29
CA ARG A 94 26.05 9.82 -7.46
C ARG A 94 26.04 10.73 -8.68
N MET A 95 25.06 11.63 -8.78
CA MET A 95 25.00 12.63 -9.83
C MET A 95 25.82 13.89 -9.51
N LYS A 96 26.69 13.85 -8.52
CA LYS A 96 27.62 14.92 -8.12
C LYS A 96 26.95 16.16 -7.50
N ILE A 97 25.81 15.92 -6.85
CA ILE A 97 25.12 16.99 -6.14
C ILE A 97 25.24 16.72 -4.65
N THR A 98 25.94 17.61 -3.94
CA THR A 98 26.15 17.47 -2.53
C THR A 98 25.60 18.66 -1.74
N LYS A 99 25.42 19.77 -2.42
CA LYS A 99 24.94 21.00 -1.80
C LYS A 99 23.84 21.59 -2.65
N ILE A 100 22.74 21.90 -1.97
CA ILE A 100 21.60 22.54 -2.59
C ILE A 100 21.40 23.91 -1.92
N GLU A 101 21.21 24.93 -2.78
CA GLU A 101 20.90 26.26 -2.31
C GLU A 101 19.40 26.33 -2.03
N LYS A 102 18.57 26.51 -3.06
CA LYS A 102 17.13 26.59 -2.86
C LYS A 102 16.51 25.26 -3.26
N LEU A 103 15.91 24.58 -2.30
CA LEU A 103 15.13 23.40 -2.59
C LEU A 103 13.67 23.79 -2.55
N THR A 104 12.93 23.60 -3.64
CA THR A 104 11.50 23.88 -3.62
C THR A 104 10.75 22.64 -4.07
N PHE A 105 9.45 22.64 -3.82
CA PHE A 105 8.64 21.46 -4.20
C PHE A 105 7.20 21.92 -4.41
N ASP A 106 6.48 21.11 -5.16
CA ASP A 106 5.08 21.45 -5.46
C ASP A 106 4.07 20.64 -4.66
N GLU A 107 2.80 20.85 -4.98
CA GLU A 107 1.71 20.28 -4.20
C GLU A 107 1.50 18.80 -4.45
N ASN A 108 2.25 18.22 -5.37
CA ASN A 108 2.13 16.77 -5.60
C ASN A 108 3.32 15.99 -5.01
N PHE A 109 4.23 16.69 -4.37
CA PHE A 109 5.31 16.03 -3.65
C PHE A 109 4.84 15.66 -2.27
N LEU A 110 4.40 14.43 -2.11
CA LEU A 110 3.88 13.91 -0.80
C LEU A 110 5.02 13.23 -0.11
N LEU A 111 5.33 13.70 1.10
CA LEU A 111 6.47 13.18 1.85
C LEU A 111 5.98 12.89 3.24
N ALA A 112 6.12 11.64 3.66
CA ALA A 112 5.75 11.29 5.02
C ALA A 112 6.88 10.39 5.50
N TRP A 113 7.69 10.97 6.41
CA TRP A 113 8.90 10.26 6.74
C TRP A 113 8.69 8.84 7.22
N LEU A 114 7.66 8.67 8.09
CA LEU A 114 7.41 7.36 8.70
C LEU A 114 6.36 6.57 7.91
N ALA A 115 6.26 6.81 6.61
CA ALA A 115 5.21 6.16 5.77
C ALA A 115 5.16 4.66 5.92
N GLU A 116 6.29 3.99 6.08
CA GLU A 116 6.37 2.50 6.15
C GLU A 116 6.59 1.99 7.55
N GLU A 117 6.34 2.86 8.57
CA GLU A 117 6.65 2.47 9.95
C GLU A 117 5.47 2.77 10.87
N LYS A 118 5.55 2.38 12.13
CA LYS A 118 4.72 3.10 13.13
C LYS A 118 5.02 4.59 13.23
N PRO A 119 3.98 5.44 13.34
CA PRO A 119 2.58 5.13 13.49
C PRO A 119 1.77 5.31 12.24
N MET A 120 2.36 5.29 11.06
CA MET A 120 1.52 5.50 9.88
CA MET A 120 1.65 5.51 9.78
C MET A 120 0.91 4.25 9.26
N ILE A 121 1.48 3.08 9.55
CA ILE A 121 0.90 1.84 9.03
C ILE A 121 -0.48 1.73 9.66
N GLY A 122 -0.58 1.95 10.99
CA GLY A 122 -1.88 1.74 11.64
C GLY A 122 -2.58 3.03 12.04
N GLY A 123 -2.04 4.17 11.65
CA GLY A 123 -2.61 5.40 12.17
C GLY A 123 -3.70 5.97 11.28
N THR A 124 -4.26 7.10 11.68
CA THR A 124 -5.22 7.85 10.88
C THR A 124 -4.41 8.67 9.89
N THR A 125 -4.54 8.37 8.60
CA THR A 125 -3.70 9.08 7.59
C THR A 125 -4.08 10.59 7.55
N PRO A 126 -3.09 11.48 7.61
CA PRO A 126 -3.38 12.91 7.62
C PRO A 126 -4.18 13.32 6.38
N LYS A 127 -5.23 14.10 6.59
CA LYS A 127 -6.02 14.58 5.46
C LYS A 127 -5.97 16.12 5.46
N TYR A 128 -5.35 16.75 4.46
CA TYR A 128 -5.10 18.19 4.54
C TYR A 128 -6.18 18.95 3.82
N ASP A 129 -6.60 20.07 4.36
CA ASP A 129 -7.67 20.85 3.70
C ASP A 129 -7.19 21.73 2.55
N THR A 130 -5.91 22.15 2.58
CA THR A 130 -5.40 22.98 1.50
C THR A 130 -3.96 22.50 1.22
N VAL A 131 -3.47 22.80 0.01
CA VAL A 131 -2.10 22.48 -0.30
C VAL A 131 -1.10 23.26 0.54
N GLU A 132 -1.48 24.45 0.99
CA GLU A 132 -0.53 25.22 1.79
C GLU A 132 -0.31 24.52 3.14
N GLN A 133 -1.40 24.03 3.74
CA GLN A 133 -1.24 23.28 5.00
C GLN A 133 -0.39 22.01 4.75
N GLN A 134 -0.69 21.22 3.71
CA GLN A 134 0.17 20.08 3.40
C GLN A 134 1.64 20.49 3.25
N ALA A 135 1.86 21.59 2.54
CA ALA A 135 3.25 21.96 2.24
C ALA A 135 3.97 22.48 3.40
N SER A 136 3.25 23.08 4.34
CA SER A 136 3.88 23.56 5.57
CA SER A 136 3.94 23.57 5.54
C SER A 136 4.52 22.38 6.25
N ILE A 137 3.79 21.27 6.26
CA ILE A 137 4.27 20.08 6.93
C ILE A 137 5.41 19.37 6.13
N VAL A 138 5.27 19.34 4.79
CA VAL A 138 6.34 18.77 3.96
C VAL A 138 7.63 19.61 4.17
N ARG A 139 7.52 20.95 4.16
CA ARG A 139 8.71 21.80 4.38
C ARG A 139 9.36 21.46 5.71
N ALA A 140 8.56 21.30 6.76
CA ALA A 140 9.11 20.96 8.04
C ALA A 140 9.79 19.59 8.02
N THR A 141 9.22 18.59 7.36
CA THR A 141 9.86 17.30 7.27
C THR A 141 11.15 17.35 6.42
N LEU A 142 11.15 18.11 5.34
CA LEU A 142 12.41 18.28 4.57
C LEU A 142 13.48 18.92 5.41
N THR A 143 13.10 19.90 6.23
CA THR A 143 14.07 20.60 7.05
C THR A 143 14.59 19.71 8.18
N SER A 144 13.73 18.98 8.86
CA SER A 144 14.09 18.23 10.06
CA SER A 144 14.13 18.25 10.06
C SER A 144 14.73 16.90 9.71
N SER A 145 14.31 16.32 8.59
CA SER A 145 14.68 14.90 8.28
C SER A 145 15.44 14.72 7.01
N PHE A 146 14.95 15.33 5.94
CA PHE A 146 15.64 15.12 4.66
C PHE A 146 17.00 15.79 4.64
N ALA A 147 17.11 16.93 5.29
CA ALA A 147 18.32 17.74 5.20
C ALA A 147 19.30 17.53 6.32
N THR A 148 18.98 16.65 7.25
CA THR A 148 19.83 16.46 8.41
C THR A 148 20.53 15.10 8.34
N ALA A 149 21.55 14.90 9.16
CA ALA A 149 22.39 13.68 9.05
C ALA A 149 21.55 12.43 9.00
N ILE A 150 21.91 11.56 8.08
CA ILE A 150 21.19 10.28 7.91
C ILE A 150 21.51 9.29 9.00
N SER A 151 20.49 8.66 9.53
CA SER A 151 20.63 7.68 10.61
C SER A 151 21.46 6.51 10.10
N PRO A 152 22.58 6.21 10.80
CA PRO A 152 23.40 5.13 10.23
C PRO A 152 22.70 3.80 10.30
N GLY A 153 21.94 3.52 11.38
CA GLY A 153 21.26 2.25 11.49
C GLY A 153 20.17 1.99 10.47
N TYR A 154 19.26 2.99 10.32
CA TYR A 154 18.25 2.80 9.30
C TYR A 154 18.86 2.72 7.87
N TYR A 155 19.88 3.56 7.64
CA TYR A 155 20.46 3.60 6.30
C TYR A 155 21.17 2.28 5.98
N THR A 156 21.96 1.71 6.94
CA THR A 156 22.63 0.47 6.53
CA THR A 156 22.63 0.43 6.67
C THR A 156 21.65 -0.69 6.36
N ILE A 157 20.56 -0.74 7.12
CA ILE A 157 19.53 -1.75 6.89
C ILE A 157 18.94 -1.64 5.49
N LEU A 158 18.65 -0.41 5.09
CA LEU A 158 18.10 -0.18 3.74
C LEU A 158 19.11 -0.55 2.67
N LYS A 159 20.35 -0.11 2.86
CA LYS A 159 21.33 -0.36 1.80
C LYS A 159 21.57 -1.86 1.62
N THR A 160 21.60 -2.62 2.71
CA THR A 160 21.74 -4.06 2.55
C THR A 160 20.55 -4.73 1.84
N LYS A 161 19.36 -4.23 2.15
CA LYS A 161 18.20 -4.75 1.43
C LYS A 161 18.23 -4.38 -0.06
N ALA A 162 18.62 -3.13 -0.34
CA ALA A 162 18.68 -2.68 -1.72
C ALA A 162 19.68 -3.54 -2.52
N ALA A 163 20.80 -3.87 -1.91
CA ALA A 163 21.76 -4.72 -2.61
C ALA A 163 21.17 -6.09 -2.99
N ARG A 164 20.27 -6.60 -2.15
CA ARG A 164 19.61 -7.87 -2.49
C ARG A 164 18.76 -7.80 -3.73
N ILE A 165 18.27 -6.60 -4.08
CA ILE A 165 17.53 -6.49 -5.30
C ILE A 165 18.32 -5.77 -6.39
N GLY A 166 19.65 -5.74 -6.23
CA GLY A 166 20.51 -5.29 -7.32
C GLY A 166 20.63 -3.77 -7.45
N VAL A 167 20.35 -3.05 -6.38
CA VAL A 167 20.40 -1.57 -6.41
C VAL A 167 21.61 -1.12 -5.59
N GLN A 168 22.41 -0.24 -6.20
CA GLN A 168 23.63 0.31 -5.60
C GLN A 168 23.31 1.59 -4.85
N MET A 169 23.90 1.75 -3.66
CA MET A 169 23.75 2.93 -2.84
C MET A 169 25.12 3.19 -2.27
N SER A 170 25.37 4.45 -2.01
CA SER A 170 26.66 4.76 -1.42
C SER A 170 26.75 4.52 0.07
N ASN A 171 27.98 4.42 0.59
CA ASN A 171 28.15 4.09 2.00
C ASN A 171 27.90 5.25 2.93
N ARG A 172 28.18 6.49 2.49
CA ARG A 172 28.13 7.66 3.39
C ARG A 172 27.43 8.82 2.70
N PRO A 173 26.15 8.65 2.40
CA PRO A 173 25.54 9.76 1.67
C PRO A 173 25.31 10.99 2.56
N LYS A 174 25.37 12.18 1.97
CA LYS A 174 25.16 13.41 2.72
C LYS A 174 24.77 14.54 1.75
N ILE A 175 23.84 15.38 2.18
CA ILE A 175 23.37 16.54 1.43
CA ILE A 175 23.58 16.61 1.43
C ILE A 175 23.38 17.74 2.40
N ASP A 176 23.64 18.96 1.90
CA ASP A 176 23.45 20.17 2.68
CA ASP A 176 23.47 20.18 2.67
C ASP A 176 22.42 20.99 1.89
N VAL A 177 21.45 21.53 2.59
CA VAL A 177 20.38 22.31 1.94
C VAL A 177 20.22 23.66 2.64
N ARG A 178 20.31 24.76 1.89
CA ARG A 178 20.28 26.08 2.53
C ARG A 178 18.87 26.56 2.85
N THR A 179 17.94 26.50 1.88
CA THR A 179 16.61 27.10 2.05
CA THR A 179 16.61 27.06 2.11
C THR A 179 15.59 26.16 1.42
N ILE A 180 14.41 26.04 2.03
CA ILE A 180 13.37 25.07 1.58
C ILE A 180 12.08 25.82 1.52
N SER A 181 11.38 25.77 0.39
CA SER A 181 10.06 26.43 0.31
C SER A 181 9.12 25.75 -0.66
N PHE A 182 7.83 25.98 -0.47
CA PHE A 182 6.80 25.47 -1.35
C PHE A 182 6.63 26.40 -2.54
N VAL A 183 6.61 25.80 -3.73
CA VAL A 183 6.27 26.54 -4.96
C VAL A 183 5.23 25.71 -5.71
N LYS A 184 3.99 26.23 -5.83
CA LYS A 184 2.96 25.47 -6.56
C LYS A 184 3.35 25.27 -8.00
N LYS A 185 2.82 24.22 -8.58
CA LYS A 185 3.12 23.88 -9.94
C LYS A 185 2.81 25.08 -10.86
N ALA A 186 1.68 25.78 -10.65
CA ALA A 186 1.35 26.89 -11.54
C ALA A 186 2.32 28.05 -11.40
N GLU A 187 3.09 28.11 -10.33
CA GLU A 187 4.12 29.13 -10.11
C GLU A 187 5.54 28.69 -10.43
N PHE A 188 5.65 27.47 -10.99
CA PHE A 188 6.96 26.98 -11.35
C PHE A 188 7.10 26.86 -12.86
N GLN A 189 8.12 27.53 -13.39
CA GLN A 189 8.58 27.25 -14.76
C GLN A 189 10.08 27.10 -14.70
N LYS A 190 10.60 26.08 -15.40
CA LYS A 190 12.00 25.79 -15.25
C LYS A 190 12.92 26.88 -15.80
N ASN A 191 14.09 26.97 -15.17
CA ASN A 191 15.16 27.87 -15.60
C ASN A 191 15.73 27.43 -16.94
N GLU A 192 16.32 28.39 -17.68
CA GLU A 192 16.81 28.02 -19.00
C GLU A 192 17.93 26.95 -19.02
N LYS A 193 18.77 26.94 -18.00
CA LYS A 193 19.88 25.99 -18.04
C LYS A 193 19.58 24.83 -17.10
N SER A 194 18.30 24.55 -16.82
CA SER A 194 17.92 23.49 -15.88
CA SER A 194 18.04 23.48 -15.86
C SER A 194 18.01 22.14 -16.55
N THR A 195 18.34 21.12 -15.79
CA THR A 195 18.29 19.74 -16.27
C THR A 195 17.20 19.03 -15.51
N THR A 196 16.35 18.30 -16.22
CA THR A 196 15.33 17.53 -15.56
C THR A 196 15.82 16.11 -15.30
N MET A 197 15.73 15.68 -14.05
CA MET A 197 16.13 14.31 -13.70
CA MET A 197 16.15 14.33 -13.63
C MET A 197 14.93 13.58 -13.11
N VAL A 198 14.73 12.34 -13.53
CA VAL A 198 13.51 11.60 -13.13
C VAL A 198 13.90 10.54 -12.17
N LEU A 199 13.16 10.50 -11.04
CA LEU A 199 13.29 9.43 -10.03
C LEU A 199 12.03 8.62 -10.09
N MET A 200 12.08 7.41 -10.61
CA MET A 200 10.82 6.61 -10.71
C MET A 200 10.73 5.75 -9.44
N SER A 201 9.50 5.67 -8.91
CA SER A 201 9.22 4.67 -7.88
C SER A 201 9.37 3.25 -8.43
N ALA A 202 9.42 2.30 -7.49
CA ALA A 202 9.17 0.90 -7.86
C ALA A 202 7.82 0.81 -8.55
N PRO A 203 7.59 -0.24 -9.34
CA PRO A 203 6.26 -0.33 -9.96
C PRO A 203 5.14 -0.45 -8.97
N LEU A 204 3.96 -0.07 -9.43
CA LEU A 204 2.76 -0.12 -8.60
C LEU A 204 2.56 -1.50 -7.95
N LYS A 205 2.79 -2.57 -8.68
CA LYS A 205 2.63 -3.88 -8.04
C LYS A 205 3.45 -4.01 -6.76
N THR A 206 4.68 -3.46 -6.72
CA THR A 206 5.54 -3.53 -5.56
C THR A 206 5.04 -2.66 -4.41
N ILE A 207 4.55 -1.46 -4.79
CA ILE A 207 3.96 -0.55 -3.77
C ILE A 207 2.73 -1.26 -3.15
N LEU A 208 1.92 -1.92 -3.99
CA LEU A 208 0.73 -2.61 -3.48
C LEU A 208 1.17 -3.82 -2.63
N LYS A 209 2.22 -4.55 -3.06
CA LYS A 209 2.70 -5.69 -2.24
C LYS A 209 3.12 -5.18 -0.88
N ARG A 210 3.89 -4.08 -0.81
CA ARG A 210 4.27 -3.59 0.49
C ARG A 210 3.06 -3.19 1.32
N MET A 211 2.12 -2.47 0.71
CA MET A 211 0.90 -2.08 1.43
C MET A 211 0.18 -3.31 2.02
N ASN A 212 -0.02 -4.35 1.20
CA ASN A 212 -0.85 -5.49 1.59
C ASN A 212 -0.04 -6.44 2.46
N ASN A 213 1.30 -6.28 2.51
CA ASN A 213 2.03 -7.08 3.46
C ASN A 213 1.89 -6.47 4.83
N GLN A 214 2.06 -5.17 4.90
CA GLN A 214 2.08 -4.47 6.19
C GLN A 214 0.70 -4.12 6.70
N SER A 215 -0.28 -4.03 5.78
CA SER A 215 -1.57 -3.41 6.06
C SER A 215 -1.38 -1.89 6.26
N ASN A 216 -0.82 -1.26 5.24
CA ASN A 216 -0.33 0.12 5.42
C ASN A 216 -1.46 1.12 5.09
N ASN A 217 -1.92 1.81 6.13
CA ASN A 217 -3.01 2.79 5.93
C ASN A 217 -2.62 3.99 5.10
N TYR A 218 -1.39 4.47 5.28
CA TYR A 218 -0.93 5.66 4.54
C TYR A 218 -0.96 5.40 3.04
N ILE A 219 -0.41 4.25 2.62
CA ILE A 219 -0.34 3.99 1.19
C ILE A 219 -1.79 3.82 0.64
N ALA A 220 -2.64 3.06 1.34
CA ALA A 220 -4.00 2.79 0.88
C ALA A 220 -4.81 4.09 0.77
N ASP A 221 -4.71 4.92 1.80
CA ASP A 221 -5.53 6.13 1.79
C ASP A 221 -5.06 7.09 0.72
N ASN A 222 -3.73 7.18 0.55
CA ASN A 222 -3.26 8.09 -0.50
C ASN A 222 -3.49 7.56 -1.93
N LEU A 223 -3.47 6.24 -2.14
CA LEU A 223 -3.86 5.74 -3.49
C LEU A 223 -5.34 6.10 -3.77
N TYR A 224 -6.19 5.91 -2.78
CA TYR A 224 -7.65 6.14 -2.96
C TYR A 224 -7.87 7.65 -3.24
N TRP A 225 -7.20 8.53 -2.50
CA TRP A 225 -7.34 9.96 -2.80
C TRP A 225 -6.79 10.28 -4.16
N ASN A 226 -5.60 9.73 -4.46
CA ASN A 226 -5.01 10.04 -5.79
C ASN A 226 -5.92 9.69 -6.97
N LEU A 227 -6.72 8.65 -6.83
CA LEU A 227 -7.58 8.16 -7.90
C LEU A 227 -8.89 8.93 -7.99
N GLY A 228 -9.11 9.86 -7.06
CA GLY A 228 -10.30 10.71 -7.07
C GLY A 228 -11.14 10.66 -5.81
N GLY A 229 -10.79 9.77 -4.87
CA GLY A 229 -11.59 9.68 -3.64
C GLY A 229 -12.94 9.02 -3.83
N THR A 230 -13.81 9.25 -2.84
CA THR A 230 -15.06 8.51 -2.79
C THR A 230 -15.98 8.76 -3.98
N GLU A 231 -16.10 9.99 -4.44
CA GLU A 231 -16.99 10.17 -5.59
C GLU A 231 -16.51 9.40 -6.82
N ALA A 232 -15.19 9.37 -7.01
CA ALA A 232 -14.65 8.63 -8.16
C ALA A 232 -14.73 7.11 -7.92
N PHE A 233 -14.53 6.69 -6.68
CA PHE A 233 -14.64 5.25 -6.40
C PHE A 233 -16.06 4.75 -6.67
N ASN A 234 -17.03 5.51 -6.20
CA ASN A 234 -18.40 5.04 -6.36
C ASN A 234 -18.76 4.88 -7.85
N ALA A 235 -18.29 5.85 -8.69
CA ALA A 235 -18.55 5.68 -10.09
C ALA A 235 -17.78 4.52 -10.72
N TYR A 236 -16.52 4.33 -10.24
CA TYR A 236 -15.72 3.20 -10.76
C TYR A 236 -16.45 1.88 -10.44
N ILE A 237 -16.92 1.70 -9.19
CA ILE A 237 -17.47 0.40 -8.85
C ILE A 237 -18.90 0.21 -9.46
N ALA A 238 -19.61 1.32 -9.74
CA ALA A 238 -20.89 1.20 -10.40
C ALA A 238 -20.60 0.74 -11.83
N GLY A 239 -19.62 1.32 -12.48
CA GLY A 239 -19.35 0.95 -13.88
C GLY A 239 -18.68 -0.43 -13.98
N LYS A 240 -17.90 -0.83 -12.97
CA LYS A 240 -17.15 -2.10 -13.04
C LYS A 240 -18.00 -3.29 -12.68
N MET A 241 -18.82 -3.15 -11.65
CA MET A 241 -19.57 -4.28 -11.05
C MET A 241 -21.05 -4.08 -11.07
N GLN A 242 -21.52 -2.98 -11.62
CA GLN A 242 -22.94 -2.64 -11.48
C GLN A 242 -23.42 -2.63 -10.03
N ALA A 243 -22.53 -2.17 -9.18
CA ALA A 243 -22.76 -2.18 -7.75
C ALA A 243 -23.23 -0.83 -7.34
N ASP A 244 -23.90 -0.77 -6.21
CA ASP A 244 -24.24 0.52 -5.64
C ASP A 244 -24.06 0.46 -4.13
N THR A 245 -24.61 1.44 -3.41
CA THR A 245 -24.31 1.65 -1.98
C THR A 245 -24.75 0.47 -1.13
N SER A 246 -25.77 -0.23 -1.60
CA SER A 246 -26.28 -1.45 -1.00
C SER A 246 -25.38 -2.69 -1.11
N ASP A 247 -24.44 -2.63 -2.04
CA ASP A 247 -23.38 -3.64 -2.16
C ASP A 247 -22.09 -3.26 -1.46
N ILE A 248 -21.72 -1.97 -1.53
CA ILE A 248 -20.41 -1.54 -1.09
C ILE A 248 -20.45 -0.08 -0.78
N GLU A 249 -19.96 0.34 0.41
CA GLU A 249 -20.00 1.76 0.80
C GLU A 249 -18.68 2.10 1.39
N PHE A 250 -17.84 2.82 0.64
CA PHE A 250 -16.50 3.19 1.05
C PHE A 250 -16.42 4.68 1.44
N HIS A 251 -15.49 5.00 2.31
CA HIS A 251 -15.17 6.34 2.70
C HIS A 251 -13.69 6.64 2.67
N ASN A 252 -12.87 5.60 2.57
CA ASN A 252 -11.42 5.77 2.48
C ASN A 252 -10.81 4.52 1.88
N GLY A 253 -9.53 4.56 1.63
CA GLY A 253 -8.90 3.40 0.93
C GLY A 253 -8.43 2.34 1.91
N SER A 254 -8.25 2.67 3.21
CA SER A 254 -7.64 1.78 4.17
C SER A 254 -8.58 0.85 4.90
N GLY A 255 -9.82 1.30 5.08
CA GLY A 255 -10.71 0.54 5.99
C GLY A 255 -10.63 0.93 7.45
N ASN A 256 -9.74 1.90 7.78
CA ASN A 256 -9.69 2.44 9.12
C ASN A 256 -10.94 3.28 9.45
N ASN A 257 -11.17 3.47 10.73
CA ASN A 257 -12.27 4.35 11.18
C ASN A 257 -12.03 5.74 10.62
N GLU A 258 -13.01 6.23 9.88
CA GLU A 258 -12.90 7.55 9.20
C GLU A 258 -13.63 8.61 10.01
N GLY A 259 -14.32 8.23 11.09
CA GLY A 259 -15.06 9.18 11.89
C GLY A 259 -14.48 9.36 13.30
N SER A 260 -15.32 9.75 14.22
CA SER A 260 -14.89 10.06 15.57
C SER A 260 -15.09 8.81 16.46
N VAL A 261 -14.73 8.93 17.73
CA VAL A 261 -14.91 7.76 18.57
C VAL A 261 -16.39 7.48 18.74
N ALA A 262 -17.18 8.55 18.94
CA ALA A 262 -18.62 8.36 19.21
C ALA A 262 -19.45 8.21 17.91
N LYS A 263 -18.88 8.66 16.79
CA LYS A 263 -19.54 8.54 15.46
C LYS A 263 -18.61 7.87 14.47
N PRO A 264 -18.35 6.58 14.68
CA PRO A 264 -17.30 6.02 13.80
C PRO A 264 -17.93 5.65 12.49
N VAL A 265 -17.06 5.58 11.50
CA VAL A 265 -17.48 5.29 10.12
C VAL A 265 -16.47 4.31 9.54
N TYR A 266 -16.97 3.14 9.10
CA TYR A 266 -16.10 2.12 8.51
C TYR A 266 -16.58 1.68 7.12
N ASN A 267 -15.66 1.45 6.21
CA ASN A 267 -16.05 0.85 4.94
C ASN A 267 -16.80 -0.46 5.15
N GLU A 268 -17.86 -0.67 4.37
CA GLU A 268 -18.62 -1.93 4.47
C GLU A 268 -18.88 -2.48 3.09
N ALA A 269 -18.99 -3.80 2.97
CA ALA A 269 -19.46 -4.36 1.72
C ALA A 269 -20.02 -5.76 2.04
N THR A 270 -20.59 -6.39 1.01
CA THR A 270 -21.03 -7.76 1.21
C THR A 270 -19.90 -8.74 0.89
N CYS A 271 -20.02 -9.93 1.44
CA CYS A 271 -19.05 -10.97 1.18
C CYS A 271 -18.99 -11.25 -0.35
N GLU A 272 -20.13 -11.30 -0.99
CA GLU A 272 -20.15 -11.54 -2.43
C GLU A 272 -19.32 -10.47 -3.18
N MET A 273 -19.40 -9.20 -2.74
CA MET A 273 -18.59 -8.20 -3.40
C MET A 273 -17.12 -8.47 -3.23
N MET A 274 -16.72 -9.00 -2.08
CA MET A 274 -15.29 -9.31 -1.92
C MET A 274 -14.84 -10.39 -2.91
N ILE A 275 -15.68 -11.40 -3.14
CA ILE A 275 -15.31 -12.42 -4.11
C ILE A 275 -15.25 -11.79 -5.50
N LYS A 276 -16.21 -10.94 -5.86
CA LYS A 276 -16.15 -10.36 -7.21
CA LYS A 276 -16.19 -10.27 -7.17
C LYS A 276 -14.88 -9.47 -7.33
N VAL A 277 -14.50 -8.73 -6.27
CA VAL A 277 -13.23 -8.01 -6.31
C VAL A 277 -12.04 -8.90 -6.57
N LEU A 278 -11.96 -10.02 -5.88
CA LEU A 278 -10.84 -10.93 -6.13
C LEU A 278 -10.84 -11.50 -7.51
N TYR A 279 -11.99 -11.89 -8.02
CA TYR A 279 -12.04 -12.43 -9.37
C TYR A 279 -11.58 -11.36 -10.37
N SER A 280 -12.03 -10.12 -10.16
CA SER A 280 -11.69 -9.05 -11.11
C SER A 280 -10.21 -8.67 -10.99
N LEU A 281 -9.69 -8.64 -9.76
CA LEU A 281 -8.29 -8.27 -9.59
C LEU A 281 -7.41 -9.39 -10.23
N ASP A 282 -7.74 -10.70 -9.97
CA ASP A 282 -6.98 -11.80 -10.58
C ASP A 282 -7.04 -11.68 -12.11
N LYS A 283 -8.20 -11.33 -12.65
CA LYS A 283 -8.33 -11.22 -14.13
C LYS A 283 -7.42 -10.03 -14.66
N SER A 284 -7.43 -8.88 -13.95
CA SER A 284 -6.67 -7.73 -14.42
C SER A 284 -5.19 -8.01 -14.30
N LEU A 285 -4.76 -8.72 -13.24
CA LEU A 285 -3.33 -9.02 -13.09
C LEU A 285 -2.95 -10.09 -14.12
N SER A 286 -3.79 -11.10 -14.37
CA SER A 286 -3.40 -12.16 -15.32
CA SER A 286 -3.44 -12.14 -15.34
C SER A 286 -3.19 -11.57 -16.72
N ALA A 287 -3.89 -10.50 -17.05
CA ALA A 287 -3.77 -9.94 -18.39
C ALA A 287 -2.39 -9.32 -18.58
N LYS A 288 -1.74 -9.01 -17.46
CA LYS A 288 -0.38 -8.46 -17.45
C LYS A 288 0.67 -9.47 -17.04
N GLY A 289 0.31 -10.74 -16.89
CA GLY A 289 1.24 -11.79 -16.54
C GLY A 289 1.57 -11.97 -15.08
N TYR A 290 0.70 -11.42 -14.20
CA TYR A 290 0.92 -11.48 -12.77
C TYR A 290 -0.19 -12.30 -12.07
N ASP A 291 0.08 -12.62 -10.80
CA ASP A 291 -0.81 -13.43 -9.93
C ASP A 291 -1.15 -12.57 -8.73
N LEU A 292 -2.14 -13.04 -7.95
CA LEU A 292 -2.49 -12.30 -6.72
C LEU A 292 -1.27 -12.19 -5.84
N SER A 293 -0.35 -13.17 -5.84
CA SER A 293 0.86 -13.09 -4.97
C SER A 293 1.83 -11.99 -5.37
N ASP A 294 1.55 -11.33 -6.52
CA ASP A 294 2.38 -10.14 -6.89
C ASP A 294 1.89 -8.88 -6.21
N VAL A 295 0.67 -8.90 -5.59
CA VAL A 295 0.19 -7.69 -4.88
C VAL A 295 -0.36 -7.96 -3.52
N MET A 296 -0.42 -9.24 -3.09
CA MET A 296 -1.00 -9.62 -1.78
C MET A 296 -0.08 -10.62 -1.13
N ALA A 297 -0.15 -10.71 0.19
CA ALA A 297 0.77 -11.55 0.97
C ALA A 297 0.45 -13.05 0.87
N VAL A 298 1.50 -13.84 0.90
CA VAL A 298 1.38 -15.32 0.87
C VAL A 298 1.66 -15.86 2.25
N ALA A 299 0.71 -16.62 2.77
CA ALA A 299 0.88 -17.19 4.11
C ALA A 299 2.17 -17.93 4.23
N ALA A 300 2.84 -17.64 5.37
CA ALA A 300 4.15 -18.24 5.75
C ALA A 300 5.29 -17.78 4.87
N LYS A 301 5.10 -17.65 3.55
CA LYS A 301 6.22 -17.34 2.71
C LYS A 301 6.62 -15.86 2.81
N ASP A 302 5.63 -14.97 2.97
CA ASP A 302 5.98 -13.57 3.18
C ASP A 302 6.11 -13.30 4.63
N LYS A 303 7.36 -13.52 5.11
CA LYS A 303 7.62 -13.39 6.55
C LYS A 303 7.45 -11.96 7.03
N ALA A 304 7.63 -10.96 6.16
CA ALA A 304 7.43 -9.58 6.58
C ALA A 304 6.01 -9.15 6.18
N SER A 305 5.03 -9.95 6.68
CA SER A 305 3.63 -9.60 6.43
C SER A 305 2.76 -10.09 7.58
N THR A 306 1.50 -9.65 7.56
CA THR A 306 0.59 -10.07 8.61
C THR A 306 0.17 -11.54 8.49
N VAL A 307 0.54 -12.24 7.43
CA VAL A 307 0.26 -13.69 7.40
C VAL A 307 1.55 -14.52 7.39
N GLY A 308 2.68 -13.90 7.74
CA GLY A 308 3.92 -14.68 7.81
C GLY A 308 3.82 -15.73 8.91
N SER A 309 3.00 -15.48 9.93
CA SER A 309 2.93 -16.42 11.06
C SER A 309 1.97 -17.55 10.81
N TYR A 310 1.26 -17.55 9.71
CA TYR A 310 0.20 -18.50 9.44
C TYR A 310 0.95 -19.78 9.10
N GLY A 311 0.36 -20.90 9.51
CA GLY A 311 1.01 -22.18 9.25
C GLY A 311 -0.01 -23.16 8.75
N GLY A 312 0.22 -24.42 9.10
CA GLY A 312 -0.71 -25.44 8.70
C GLY A 312 -0.86 -25.55 7.20
N VAL A 313 -2.07 -25.91 6.80
CA VAL A 313 -2.28 -26.13 5.35
C VAL A 313 -2.32 -24.80 4.60
N MET A 314 -2.44 -23.67 5.30
CA MET A 314 -2.43 -22.39 4.59
C MET A 314 -1.01 -22.02 4.15
N ALA A 315 0.02 -22.52 4.80
CA ALA A 315 1.38 -22.06 4.50
C ALA A 315 1.75 -22.42 3.05
N GLY A 316 2.10 -21.38 2.30
CA GLY A 316 2.56 -21.58 0.94
C GLY A 316 1.41 -21.80 -0.06
N SER A 317 0.17 -21.90 0.41
CA SER A 317 -0.95 -22.22 -0.49
C SER A 317 -1.94 -21.06 -0.58
N THR A 318 -1.85 -20.10 0.34
CA THR A 318 -2.91 -19.16 0.54
C THR A 318 -2.39 -17.75 0.38
N THR A 319 -3.05 -16.94 -0.45
CA THR A 319 -2.69 -15.52 -0.70
C THR A 319 -3.81 -14.74 -0.09
N ALA A 320 -3.53 -13.86 0.89
CA ALA A 320 -4.67 -13.31 1.64
C ALA A 320 -4.33 -12.01 2.31
N LYS A 321 -5.38 -11.25 2.54
CA LYS A 321 -5.27 -9.96 3.28
C LYS A 321 -6.10 -10.06 4.56
N THR A 322 -5.48 -9.65 5.65
CA THR A 322 -6.14 -9.62 6.97
C THR A 322 -6.80 -8.28 7.21
N GLY A 323 -7.75 -8.22 8.14
CA GLY A 323 -8.21 -6.92 8.62
C GLY A 323 -8.70 -7.06 10.04
N SER A 324 -8.58 -5.99 10.78
CA SER A 324 -9.09 -5.92 12.15
C SER A 324 -9.44 -4.49 12.54
N VAL A 325 -10.68 -4.29 12.94
CA VAL A 325 -11.09 -3.06 13.65
C VAL A 325 -11.91 -3.48 14.87
N ASN A 326 -12.37 -2.51 15.68
CA ASN A 326 -12.99 -2.88 16.95
C ASN A 326 -14.10 -3.95 16.81
N LYS A 327 -14.93 -3.81 15.80
CA LYS A 327 -16.07 -4.76 15.67
C LYS A 327 -15.95 -5.77 14.61
N ALA A 328 -14.83 -5.88 13.96
CA ALA A 328 -14.71 -6.86 12.88
C ALA A 328 -13.32 -7.39 12.73
N LYS A 329 -13.25 -8.69 12.45
CA LYS A 329 -11.97 -9.28 12.07
C LYS A 329 -12.24 -10.07 10.78
N THR A 330 -11.41 -9.86 9.77
CA THR A 330 -11.74 -10.33 8.43
C THR A 330 -10.49 -10.90 7.74
N LEU A 331 -10.74 -11.71 6.71
CA LEU A 331 -9.63 -12.27 5.89
C LEU A 331 -10.22 -12.55 4.51
N MET A 332 -9.52 -12.24 3.44
CA MET A 332 -10.00 -12.68 2.12
C MET A 332 -8.84 -12.97 1.23
N GLY A 333 -9.05 -13.79 0.21
CA GLY A 333 -7.95 -14.05 -0.69
C GLY A 333 -8.25 -15.29 -1.52
N SER A 334 -7.20 -16.03 -1.82
CA SER A 334 -7.35 -17.29 -2.56
CA SER A 334 -7.35 -17.28 -2.57
C SER A 334 -6.63 -18.40 -1.84
N VAL A 335 -7.19 -19.60 -1.96
CA VAL A 335 -6.48 -20.80 -1.50
C VAL A 335 -6.21 -21.66 -2.71
N SER A 336 -4.99 -22.21 -2.78
CA SER A 336 -4.65 -23.13 -3.87
C SER A 336 -4.72 -24.55 -3.29
N THR A 337 -5.61 -25.36 -3.87
CA THR A 337 -5.90 -26.71 -3.38
C THR A 337 -5.68 -27.76 -4.46
N LYS A 338 -5.74 -29.02 -4.05
CA LYS A 338 -5.60 -30.04 -5.09
C LYS A 338 -6.70 -29.94 -6.14
N ASN A 339 -7.86 -29.36 -5.79
CA ASN A 339 -8.97 -29.18 -6.73
C ASN A 339 -9.03 -27.81 -7.36
N GLY A 340 -7.94 -27.07 -7.26
CA GLY A 340 -7.85 -25.77 -7.92
C GLY A 340 -7.81 -24.60 -6.99
N GLU A 341 -7.86 -23.40 -7.56
CA GLU A 341 -7.79 -22.17 -6.75
C GLU A 341 -9.21 -21.75 -6.41
N ILE A 342 -9.39 -21.28 -5.16
CA ILE A 342 -10.74 -20.91 -4.71
C ILE A 342 -10.60 -19.55 -4.04
N TYR A 343 -11.45 -18.59 -4.45
CA TYR A 343 -11.53 -17.33 -3.71
C TYR A 343 -12.34 -17.45 -2.50
N PHE A 344 -12.00 -16.72 -1.43
CA PHE A 344 -12.79 -16.77 -0.20
C PHE A 344 -12.80 -15.43 0.52
N ALA A 345 -13.81 -15.25 1.35
CA ALA A 345 -13.80 -14.15 2.30
C ALA A 345 -14.47 -14.61 3.54
N VAL A 346 -13.95 -14.17 4.68
CA VAL A 346 -14.52 -14.50 5.99
C VAL A 346 -14.64 -13.22 6.80
N LEU A 347 -15.86 -12.90 7.26
CA LEU A 347 -16.11 -11.65 7.96
C LEU A 347 -16.66 -12.03 9.32
N MET A 348 -15.90 -11.73 10.38
CA MET A 348 -16.32 -12.02 11.78
C MET A 348 -16.66 -10.77 12.54
N HIS A 349 -17.62 -10.89 13.45
CA HIS A 349 -17.93 -9.85 14.40
C HIS A 349 -17.18 -10.07 15.70
N THR A 350 -16.58 -8.99 16.27
CA THR A 350 -15.83 -9.04 17.53
C THR A 350 -16.40 -8.08 18.54
N ASP A 351 -16.46 -8.51 19.77
CA ASP A 351 -16.85 -7.65 20.88
C ASP A 351 -15.77 -7.81 21.97
N TYR A 352 -14.88 -6.81 22.09
CA TYR A 352 -13.76 -6.90 23.02
C TYR A 352 -14.09 -6.63 24.50
N ASP A 353 -15.27 -6.07 24.70
CA ASP A 353 -15.71 -5.70 26.04
C ASP A 353 -16.08 -6.95 26.84
N LYS A 354 -16.42 -8.05 26.16
CA LYS A 354 -16.99 -9.25 26.85
C LYS A 354 -16.03 -10.44 26.94
N SER A 355 -16.22 -11.28 27.97
CA SER A 355 -15.45 -12.50 28.14
C SER A 355 -14.00 -12.23 27.98
N ARG A 356 -13.46 -11.34 28.80
CA ARG A 356 -12.10 -10.85 28.60
CA ARG A 356 -12.10 -10.85 28.60
C ARG A 356 -11.02 -11.88 28.87
N SER A 357 -11.42 -13.03 29.39
CA SER A 357 -10.48 -14.13 29.54
C SER A 357 -10.19 -14.75 28.17
N ASP A 358 -11.01 -14.45 27.17
CA ASP A 358 -10.88 -15.17 25.87
C ASP A 358 -10.24 -14.26 24.87
N TRP A 359 -9.14 -14.72 24.30
CA TRP A 359 -8.45 -13.95 23.28
CA TRP A 359 -8.36 -13.97 23.37
C TRP A 359 -8.05 -14.83 22.09
N GLY A 360 -7.81 -14.15 20.98
CA GLY A 360 -7.41 -14.79 19.72
C GLY A 360 -8.54 -15.60 19.10
N VAL A 361 -9.78 -15.34 19.56
CA VAL A 361 -10.91 -16.15 19.19
C VAL A 361 -11.28 -15.99 17.73
N ALA A 362 -11.33 -14.75 17.22
CA ALA A 362 -11.76 -14.59 15.84
C ALA A 362 -10.70 -15.03 14.87
N SER A 363 -9.44 -14.77 15.19
CA SER A 363 -8.34 -15.22 14.33
CA SER A 363 -8.38 -15.21 14.29
C SER A 363 -8.34 -16.72 14.19
N GLN A 364 -8.47 -17.42 15.32
CA GLN A 364 -8.42 -18.85 15.24
C GLN A 364 -9.64 -19.46 14.55
N GLN A 365 -10.82 -18.86 14.73
CA GLN A 365 -11.99 -19.31 13.94
C GLN A 365 -11.77 -19.14 12.46
N ILE A 366 -11.22 -18.00 12.06
CA ILE A 366 -10.97 -17.75 10.61
C ILE A 366 -9.96 -18.78 10.12
N LYS A 367 -8.85 -19.03 10.84
CA LYS A 367 -7.85 -19.99 10.36
C LYS A 367 -8.51 -21.36 10.22
N ASN A 368 -9.32 -21.74 11.20
CA ASN A 368 -9.93 -23.07 11.15
C ASN A 368 -10.88 -23.17 9.96
N LYS A 369 -11.63 -22.11 9.65
CA LYS A 369 -12.55 -22.17 8.51
C LYS A 369 -11.81 -22.26 7.18
N VAL A 370 -10.73 -21.49 7.05
CA VAL A 370 -10.00 -21.48 5.79
C VAL A 370 -9.28 -22.85 5.63
N SER A 371 -8.76 -23.37 6.74
CA SER A 371 -8.10 -24.67 6.67
C SER A 371 -9.07 -25.75 6.27
N GLN A 372 -10.29 -25.68 6.82
CA GLN A 372 -11.31 -26.61 6.45
C GLN A 372 -11.66 -26.53 4.94
N LEU A 373 -11.78 -25.30 4.44
CA LEU A 373 -12.01 -25.13 2.99
C LEU A 373 -10.92 -25.83 2.14
N ILE A 374 -9.67 -25.66 2.56
CA ILE A 374 -8.58 -26.26 1.81
C ILE A 374 -8.69 -27.79 1.88
N ASN A 375 -8.92 -28.31 3.07
CA ASN A 375 -8.97 -29.76 3.27
C ASN A 375 -10.19 -30.42 2.59
N GLN A 376 -11.33 -29.72 2.55
CA GLN A 376 -12.51 -30.28 1.83
C GLN A 376 -12.21 -30.41 0.34
N ASN A 377 -11.22 -29.65 -0.14
CA ASN A 377 -10.81 -29.62 -1.54
C ASN A 377 -9.52 -30.35 -1.82
N GLY A 378 -9.26 -31.35 -0.99
CA GLY A 378 -8.21 -32.31 -1.20
C GLY A 378 -6.89 -31.95 -0.59
N GLY A 379 -6.84 -30.83 0.16
CA GLY A 379 -5.61 -30.36 0.76
C GLY A 379 -4.90 -29.32 -0.08
N PRO A 380 -3.82 -28.74 0.48
CA PRO A 380 -3.14 -27.62 -0.18
C PRO A 380 -2.33 -28.05 -1.36
N LYS A 381 -2.18 -27.09 -2.29
CA LYS A 381 -1.26 -27.24 -3.42
C LYS A 381 -0.38 -25.99 -3.40
N ALA A 382 0.91 -26.15 -3.18
CA ALA A 382 1.80 -24.97 -3.05
C ALA A 382 1.76 -24.12 -4.30
N ILE A 383 1.67 -22.79 -4.15
CA ILE A 383 1.72 -21.96 -5.30
C ILE A 383 3.16 -21.74 -5.73
N LYS A 384 3.33 -21.22 -6.94
CA LYS A 384 4.67 -20.86 -7.41
C LYS A 384 4.94 -19.45 -6.92
N TYR A 385 5.86 -19.34 -5.98
CA TYR A 385 6.10 -18.05 -5.32
C TYR A 385 7.43 -18.03 -4.60
N THR A 386 8.21 -17.00 -4.88
CA THR A 386 9.46 -16.69 -4.17
CA THR A 386 9.42 -16.73 -4.10
C THR A 386 9.27 -15.39 -3.40
N GLU A 387 9.58 -15.41 -2.11
CA GLU A 387 9.35 -14.24 -1.26
C GLU A 387 9.98 -12.99 -1.85
N GLN A 388 9.17 -11.94 -1.98
CA GLN A 388 9.58 -10.65 -2.57
C GLN A 388 10.12 -9.70 -1.51
N LEU A 389 10.92 -8.72 -1.96
CA LEU A 389 11.47 -7.70 -1.07
C LEU A 389 11.00 -6.33 -1.58
N PRO A 390 9.79 -5.89 -1.20
CA PRO A 390 9.23 -4.71 -1.89
C PRO A 390 9.68 -3.40 -1.29
N LEU A 391 10.73 -2.83 -1.80
CA LEU A 391 11.18 -1.50 -1.37
C LEU A 391 10.52 -0.40 -2.25
N PRO A 392 10.61 0.87 -1.83
CA PRO A 392 9.96 1.96 -2.57
C PRO A 392 10.59 2.17 -3.95
N PHE A 393 11.80 1.68 -4.16
CA PHE A 393 12.54 1.88 -5.40
C PHE A 393 13.08 0.51 -5.82
N ASP A 394 13.48 0.41 -7.08
CA ASP A 394 14.15 -0.78 -7.58
C ASP A 394 15.27 -0.40 -8.54
N LYS A 395 15.80 -1.36 -9.30
CA LYS A 395 16.99 -1.08 -10.08
C LYS A 395 16.69 -0.21 -11.32
N TYR A 396 15.42 0.17 -11.52
CA TYR A 396 15.08 1.11 -12.58
C TYR A 396 14.71 2.49 -12.03
N SER A 397 14.95 2.71 -10.74
CA SER A 397 14.59 3.97 -10.06
C SER A 397 15.69 5.02 -10.07
N TYR A 398 16.88 4.65 -10.57
CA TYR A 398 17.98 5.58 -10.52
C TYR A 398 17.64 6.91 -11.20
N LEU A 399 18.19 7.98 -10.66
CA LEU A 399 17.96 9.29 -11.25
C LEU A 399 18.51 9.29 -12.65
N THR A 400 17.70 9.77 -13.55
CA THR A 400 18.06 9.68 -14.95
C THR A 400 17.73 11.02 -15.62
N LYS A 401 18.66 11.56 -16.41
CA LYS A 401 18.42 12.81 -17.11
C LYS A 401 17.41 12.57 -18.18
N ALA A 402 16.45 13.48 -18.30
CA ALA A 402 15.45 13.31 -19.32
C ALA A 402 16.06 13.81 -20.63
#